data_6J2W
#
_entry.id   6J2W
#
loop_
_entity.id
_entity.type
_entity.pdbx_description
1 polymer "DNA (5'-D(*CP*GP*GP*GP*GP*CP*GP*AP*AP*GP*CP*GP*GP*GP*TP*CP*CP*CP*G)-3')"
2 non-polymer N-[(3R)-5-chloro-8-hydroxy-3-methyl-1-oxo-3,4-dihydro-1H-2-benzopyran-7-carbonyl]-D-phenylalanine
#
_entity_poly.entity_id   1
_entity_poly.type   'polydeoxyribonucleotide'
_entity_poly.pdbx_seq_one_letter_code
;(DC)(DG)(DG)(DG)(DG)(DC)(DG)(DA)(DA)(DG)(DC)(DG)(DG)(DG)(DT)(DC)(DC)(DC)(DG)
;
_entity_poly.pdbx_strand_id   A
#